data_3PBT
#
_entry.id   3PBT
#
_cell.length_a   67.772
_cell.length_b   83.768
_cell.length_c   89.569
_cell.angle_alpha   90.00
_cell.angle_beta   90.00
_cell.angle_gamma   90.00
#
_symmetry.space_group_name_H-M   'P 21 21 21'
#
loop_
_entity.id
_entity.type
_entity.pdbx_description
1 polymer 'Penicillin-binding protein 3'
2 non-polymer '(4S,7Z)-7-(2-amino-1,3-thiazol-4-yl)-1-[({4-[(2R)-2,3-dihydroxypropyl]-3-(4,5-dihydroxypyridin-2-yl)-5-oxo-4,5-dihydro- 1H-1,2,4-triazol-1-yl}sulfonyl)amino]-4-formyl-10,10-dimethyl-1,6-dioxo-9-oxa-2,5,8-triazaundec-7-en-11-oate'
3 water water
#
_entity_poly.entity_id   1
_entity_poly.type   'polypeptide(L)'
_entity_poly.pdbx_seq_one_letter_code
;MGHHHHHHARSVRHIAIPAHRGLITDRNGEPLAVSTPVTTLWANPKELMTAKERWPQLAAALGQDTKLFADRIEQNAERE
FIYLVRGLTPEQGEGVIALKVPGVYSIEEFRRFYPAGEVVAHAVGFTDVDDRGREGIELAFDEWLAGVPGKRQVLKDRRG
RVIKDVQVTKNAKPGKTLALSIDLRLQYLAHRELRNALLENGAKAGSLVIMDVKTGEILAMTNQPTYNPNNRRNLQPAAM
RNRAMIDVFEPGSTVKPFSMSAALASGRWKPSDIVDVYPGTLQIGRYTIRDVSRNSRQLDLTGILIKSSNVGISKIAFDI
GAESIYSVMQQVGLGQDTGLGFPGERVGNLPNHRKWPKAETATLAYGYGLSVTAIQLAHAYAALANDGKSVPLSMTRVDR
VPDGVQVISPEVASTVQGMLQQVVEAQGGVFRAQVPGYHAAGKSGTARKVSVGTKGYRENAYRSLFAGFAPATDPRIAMV
VVIDEPSKAGYFGGLVSAPVFSKVMAGALRLMNVPPDNLPTATEQQQVNAAPAKGGRG
;
_entity_poly.pdbx_strand_id   A
#
loop_
_chem_comp.id
_chem_comp.type
_chem_comp.name
_chem_comp.formula
UE1 non-polymer '(4S,7Z)-7-(2-amino-1,3-thiazol-4-yl)-1-[({4-[(2R)-2,3-dihydroxypropyl]-3-(4,5-dihydroxypyridin-2-yl)-5-oxo-4,5-dihydro- 1H-1,2,4-triazol-1-yl}sulfonyl)amino]-4-formyl-10,10-dimethyl-1,6-dioxo-9-oxa-2,5,8-triazaundec-7-en-11-oate' 'C23 H27 N10 O13 S2 -1'
#
# COMPACT_ATOMS: atom_id res chain seq x y z
N VAL A 12 -8.59 -42.67 7.26
CA VAL A 12 -8.25 -41.94 6.01
C VAL A 12 -7.86 -42.91 4.88
N ARG A 13 -8.45 -42.67 3.72
CA ARG A 13 -8.33 -43.56 2.57
C ARG A 13 -7.84 -42.76 1.39
N HIS A 14 -7.64 -41.46 1.60
CA HIS A 14 -7.22 -40.56 0.53
C HIS A 14 -6.04 -39.76 1.06
N ILE A 15 -5.23 -39.19 0.16
CA ILE A 15 -4.41 -38.05 0.49
C ILE A 15 -4.77 -36.89 -0.44
N ALA A 16 -4.71 -35.67 0.07
CA ALA A 16 -4.96 -34.49 -0.75
C ALA A 16 -3.82 -34.27 -1.74
N ILE A 17 -4.13 -33.75 -2.92
CA ILE A 17 -3.12 -33.37 -3.91
C ILE A 17 -3.12 -31.85 -3.99
N PRO A 18 -2.13 -31.20 -3.37
CA PRO A 18 -2.10 -29.74 -3.41
C PRO A 18 -2.10 -29.18 -4.85
N ALA A 19 -2.80 -28.07 -5.04
CA ALA A 19 -2.93 -27.42 -6.35
C ALA A 19 -1.84 -26.36 -6.51
N HIS A 20 -1.40 -26.12 -7.74
CA HIS A 20 -0.35 -25.14 -8.03
C HIS A 20 -1.03 -23.77 -7.90
N ARG A 21 -0.58 -22.95 -6.95
CA ARG A 21 -1.13 -21.61 -6.72
C ARG A 21 -0.73 -20.63 -7.84
N GLY A 22 -1.67 -19.78 -8.25
CA GLY A 22 -1.46 -18.93 -9.42
C GLY A 22 -0.32 -17.94 -9.25
N LEU A 23 0.40 -17.69 -10.34
CA LEU A 23 1.49 -16.74 -10.34
C LEU A 23 0.94 -15.32 -10.13
N ILE A 24 1.57 -14.53 -9.28
CA ILE A 24 1.26 -13.09 -9.20
C ILE A 24 2.38 -12.36 -9.92
N THR A 25 2.03 -11.49 -10.87
CA THR A 25 3.05 -10.70 -11.56
C THR A 25 2.76 -9.21 -11.35
N ASP A 26 3.73 -8.37 -11.68
CA ASP A 26 3.46 -6.94 -11.86
C ASP A 26 2.73 -6.71 -13.18
N ARG A 27 2.48 -5.45 -13.53
CA ARG A 27 1.61 -5.13 -14.66
C ARG A 27 2.26 -5.54 -15.98
N ASN A 28 3.58 -5.73 -15.96
CA ASN A 28 4.34 -6.12 -17.16
C ASN A 28 4.87 -7.55 -17.13
N GLY A 29 4.30 -8.36 -16.25
CA GLY A 29 4.66 -9.78 -16.17
C GLY A 29 5.85 -10.16 -15.31
N GLU A 30 6.46 -9.21 -14.61
CA GLU A 30 7.54 -9.51 -13.66
C GLU A 30 6.98 -10.33 -12.50
N PRO A 31 7.60 -11.49 -12.21
CA PRO A 31 7.11 -12.35 -11.12
C PRO A 31 7.24 -11.71 -9.74
N LEU A 32 6.13 -11.76 -9.00
CA LEU A 32 6.06 -11.20 -7.66
C LEU A 32 5.78 -12.29 -6.61
N ALA A 33 5.10 -13.36 -7.00
CA ALA A 33 4.87 -14.47 -6.07
C ALA A 33 4.78 -15.73 -6.93
N VAL A 34 5.66 -16.70 -6.66
CA VAL A 34 5.84 -17.86 -7.52
C VAL A 34 5.77 -19.12 -6.65
N SER A 35 4.92 -20.05 -7.06
CA SER A 35 4.77 -21.36 -6.37
C SER A 35 5.99 -22.19 -6.72
N THR A 36 6.67 -22.66 -5.69
CA THR A 36 7.91 -23.44 -5.88
C THR A 36 7.72 -24.82 -5.27
N PRO A 37 8.30 -25.85 -5.90
CA PRO A 37 8.18 -27.22 -5.37
C PRO A 37 8.94 -27.42 -4.06
N VAL A 38 8.29 -28.01 -3.07
CA VAL A 38 8.97 -28.40 -1.84
C VAL A 38 8.46 -29.80 -1.51
N THR A 39 9.15 -30.43 -0.57
CA THR A 39 8.74 -31.77 -0.17
CA THR A 39 8.83 -31.81 -0.16
C THR A 39 8.54 -31.83 1.34
N THR A 40 7.44 -32.45 1.73
CA THR A 40 7.11 -32.64 3.13
C THR A 40 7.37 -34.10 3.44
N LEU A 41 7.93 -34.36 4.61
CA LEU A 41 8.14 -35.76 5.05
C LEU A 41 7.16 -36.08 6.16
N TRP A 42 6.58 -37.27 6.11
CA TRP A 42 5.73 -37.71 7.21
C TRP A 42 6.11 -39.15 7.55
N ALA A 43 5.66 -39.63 8.70
CA ALA A 43 5.97 -41.01 9.05
C ALA A 43 4.75 -41.70 9.62
N ASN A 44 4.79 -43.02 9.52
CA ASN A 44 3.82 -43.89 10.19
C ASN A 44 4.48 -44.50 11.43
N PRO A 45 4.16 -43.96 12.61
CA PRO A 45 4.80 -44.47 13.83
C PRO A 45 4.65 -45.99 13.97
N LYS A 46 3.56 -46.58 13.49
CA LYS A 46 3.39 -48.04 13.66
C LYS A 46 4.50 -48.79 12.93
N GLU A 47 4.90 -48.31 11.76
CA GLU A 47 6.06 -48.84 11.06
C GLU A 47 7.39 -48.49 11.72
N LEU A 48 7.55 -47.23 12.12
CA LEU A 48 8.78 -46.84 12.78
C LEU A 48 9.06 -47.69 14.01
N MET A 49 8.00 -48.09 14.70
CA MET A 49 8.13 -48.86 15.95
C MET A 49 8.76 -50.24 15.72
N THR A 50 8.76 -50.69 14.45
CA THR A 50 9.36 -51.98 14.07
C THR A 50 10.81 -51.81 13.63
N ALA A 51 11.34 -50.59 13.71
CA ALA A 51 12.61 -50.26 13.08
C ALA A 51 13.40 -49.31 13.96
N LYS A 52 13.38 -49.55 15.28
CA LYS A 52 13.89 -48.55 16.24
C LYS A 52 15.40 -48.32 16.08
N GLU A 53 16.13 -49.33 15.61
CA GLU A 53 17.56 -49.15 15.43
C GLU A 53 17.91 -48.05 14.42
N ARG A 54 16.95 -47.73 13.54
CA ARG A 54 17.13 -46.68 12.54
C ARG A 54 16.85 -45.29 13.08
N TRP A 55 16.24 -45.17 14.25
CA TRP A 55 15.77 -43.84 14.66
C TRP A 55 16.88 -42.79 14.78
N PRO A 56 18.02 -43.15 15.37
CA PRO A 56 19.02 -42.07 15.51
C PRO A 56 19.53 -41.49 14.20
N GLN A 57 19.72 -42.32 13.17
CA GLN A 57 20.10 -41.81 11.86
C GLN A 57 19.00 -40.89 11.29
N LEU A 58 17.75 -41.24 11.53
CA LEU A 58 16.64 -40.42 11.02
C LEU A 58 16.55 -39.09 11.76
N ALA A 59 16.66 -39.17 13.09
CA ALA A 59 16.69 -37.98 13.94
C ALA A 59 17.78 -37.02 13.46
N ALA A 60 18.94 -37.57 13.13
CA ALA A 60 20.08 -36.74 12.69
C ALA A 60 19.75 -36.07 11.38
N ALA A 61 19.15 -36.85 10.48
CA ALA A 61 18.81 -36.31 9.16
C ALA A 61 17.83 -35.15 9.27
N LEU A 62 17.03 -35.16 10.34
CA LEU A 62 15.95 -34.21 10.57
C LEU A 62 16.40 -33.06 11.47
N GLY A 63 17.64 -33.10 11.93
CA GLY A 63 18.17 -32.10 12.85
C GLY A 63 17.52 -32.14 14.23
N GLN A 64 17.07 -33.31 14.64
CA GLN A 64 16.34 -33.44 15.90
C GLN A 64 17.20 -34.17 16.90
N ASP A 65 16.99 -33.88 18.18
CA ASP A 65 17.72 -34.58 19.23
C ASP A 65 17.31 -36.06 19.25
N THR A 66 18.28 -36.97 19.42
CA THR A 66 18.03 -38.41 19.42
C THR A 66 16.95 -38.86 20.40
N LYS A 67 17.09 -38.46 21.66
CA LYS A 67 16.16 -38.95 22.65
C LYS A 67 14.81 -38.24 22.56
N LEU A 68 14.80 -36.95 22.21
CA LEU A 68 13.51 -36.29 22.08
C LEU A 68 12.71 -36.85 20.91
N PHE A 69 13.43 -37.17 19.84
CA PHE A 69 12.79 -37.82 18.68
C PHE A 69 12.21 -39.21 19.02
N ALA A 70 13.01 -40.02 19.70
CA ALA A 70 12.53 -41.33 20.16
C ALA A 70 11.30 -41.17 21.06
N ASP A 71 11.34 -40.18 21.95
CA ASP A 71 10.19 -39.90 22.83
C ASP A 71 8.93 -39.56 22.02
N ARG A 72 9.09 -38.70 21.03
CA ARG A 72 8.00 -38.40 20.10
C ARG A 72 7.41 -39.64 19.41
N ILE A 73 8.25 -40.50 18.84
CA ILE A 73 7.72 -41.70 18.19
C ILE A 73 6.95 -42.61 19.15
N GLU A 74 7.56 -42.86 20.30
CA GLU A 74 6.95 -43.73 21.31
C GLU A 74 5.59 -43.20 21.74
N GLN A 75 5.48 -41.89 21.89
CA GLN A 75 4.25 -41.24 22.37
C GLN A 75 3.15 -41.30 21.31
N ASN A 76 3.55 -41.41 20.05
CA ASN A 76 2.63 -41.49 18.92
C ASN A 76 2.51 -42.88 18.31
N ALA A 77 2.85 -43.91 19.09
CA ALA A 77 3.04 -45.25 18.54
C ALA A 77 1.76 -45.84 18.01
N GLU A 78 0.63 -45.29 18.47
CA GLU A 78 -0.70 -45.77 18.14
CA GLU A 78 -0.66 -45.84 18.07
C GLU A 78 -1.23 -45.06 16.89
N ARG A 79 -0.53 -44.02 16.47
CA ARG A 79 -0.91 -43.25 15.28
C ARG A 79 -0.33 -43.82 13.97
N GLU A 80 -0.99 -43.52 12.86
CA GLU A 80 -0.51 -43.98 11.56
C GLU A 80 0.05 -42.84 10.71
N PHE A 81 0.02 -41.63 11.26
CA PHE A 81 0.53 -40.46 10.54
C PHE A 81 1.02 -39.42 11.52
N ILE A 82 2.25 -38.94 11.34
CA ILE A 82 2.69 -37.69 11.97
C ILE A 82 3.60 -36.98 10.97
N TYR A 83 3.63 -35.65 11.01
CA TYR A 83 4.55 -34.92 10.14
C TYR A 83 5.93 -34.96 10.76
N LEU A 84 6.96 -35.09 9.94
CA LEU A 84 8.33 -34.99 10.42
C LEU A 84 8.87 -33.59 10.15
N VAL A 85 8.78 -33.16 8.90
CA VAL A 85 9.20 -31.80 8.54
C VAL A 85 8.49 -31.33 7.27
N ARG A 86 8.21 -30.03 7.18
CA ARG A 86 7.51 -29.52 6.01
C ARG A 86 8.40 -28.58 5.21
N GLY A 87 8.20 -28.55 3.90
CA GLY A 87 8.84 -27.52 3.06
C GLY A 87 10.34 -27.66 2.82
N LEU A 88 10.85 -28.89 2.79
CA LEU A 88 12.24 -29.11 2.34
C LEU A 88 12.40 -28.88 0.83
N THR A 89 13.63 -28.64 0.38
CA THR A 89 13.82 -28.73 -1.06
C THR A 89 13.59 -30.17 -1.52
N PRO A 90 13.18 -30.35 -2.78
CA PRO A 90 13.03 -31.73 -3.28
C PRO A 90 14.28 -32.56 -3.00
N GLU A 91 15.45 -31.97 -3.21
CA GLU A 91 16.71 -32.69 -3.00
C GLU A 91 16.95 -33.10 -1.53
N GLN A 92 16.63 -32.19 -0.60
CA GLN A 92 16.76 -32.51 0.81
C GLN A 92 15.79 -33.63 1.17
N GLY A 93 14.59 -33.57 0.59
CA GLY A 93 13.57 -34.57 0.89
C GLY A 93 14.01 -35.92 0.36
N GLU A 94 14.47 -35.95 -0.88
CA GLU A 94 14.97 -37.19 -1.49
C GLU A 94 16.12 -37.78 -0.68
N GLY A 95 16.96 -36.91 -0.12
CA GLY A 95 18.08 -37.32 0.71
C GLY A 95 17.67 -38.14 1.91
N VAL A 96 16.57 -37.75 2.56
CA VAL A 96 16.10 -38.50 3.71
C VAL A 96 15.37 -39.77 3.27
N ILE A 97 14.59 -39.68 2.20
CA ILE A 97 13.92 -40.86 1.67
C ILE A 97 14.96 -41.91 1.29
N ALA A 98 16.15 -41.48 0.86
CA ALA A 98 17.19 -42.39 0.37
C ALA A 98 17.84 -43.17 1.52
N LEU A 99 17.53 -42.80 2.75
CA LEU A 99 17.98 -43.55 3.92
C LEU A 99 17.23 -44.87 4.04
N LYS A 100 16.10 -44.99 3.36
CA LYS A 100 15.35 -46.24 3.35
C LYS A 100 14.85 -46.62 4.76
N VAL A 101 14.52 -45.63 5.58
CA VAL A 101 13.88 -45.95 6.87
C VAL A 101 12.42 -46.39 6.71
N PRO A 102 12.06 -47.61 7.20
CA PRO A 102 10.67 -48.05 7.07
C PRO A 102 9.72 -47.06 7.71
N GLY A 103 8.64 -46.73 6.99
CA GLY A 103 7.60 -45.89 7.55
C GLY A 103 7.80 -44.40 7.31
N VAL A 104 8.86 -44.05 6.57
CA VAL A 104 9.06 -42.63 6.21
C VAL A 104 8.61 -42.41 4.77
N TYR A 105 7.84 -41.34 4.57
CA TYR A 105 7.21 -41.08 3.29
C TYR A 105 7.34 -39.60 2.94
N SER A 106 7.13 -39.28 1.67
CA SER A 106 7.16 -37.88 1.24
C SER A 106 5.92 -37.46 0.45
N ILE A 107 5.61 -36.17 0.54
CA ILE A 107 4.51 -35.57 -0.20
C ILE A 107 5.09 -34.35 -0.89
N GLU A 108 4.72 -34.17 -2.15
CA GLU A 108 5.15 -33.01 -2.92
C GLU A 108 4.15 -31.88 -2.67
N GLU A 109 4.66 -30.70 -2.32
CA GLU A 109 3.81 -29.58 -1.93
C GLU A 109 4.42 -28.33 -2.59
N PHE A 110 3.88 -27.17 -2.25
CA PHE A 110 4.38 -25.92 -2.85
C PHE A 110 4.63 -24.92 -1.73
N ARG A 111 5.65 -24.09 -1.93
CA ARG A 111 5.85 -22.94 -1.06
C ARG A 111 6.07 -21.72 -1.93
N ARG A 112 5.44 -20.60 -1.55
CA ARG A 112 5.65 -19.37 -2.32
C ARG A 112 7.07 -18.85 -2.18
N PHE A 113 7.61 -18.36 -3.30
CA PHE A 113 8.77 -17.48 -3.23
C PHE A 113 8.40 -16.10 -3.80
N TYR A 114 8.95 -15.06 -3.17
CA TYR A 114 8.64 -13.65 -3.50
C TYR A 114 9.91 -12.99 -4.02
N PRO A 115 10.09 -13.00 -5.36
CA PRO A 115 11.39 -12.59 -5.90
C PRO A 115 11.79 -11.16 -5.56
N ALA A 116 10.83 -10.27 -5.34
CA ALA A 116 11.16 -8.89 -5.01
C ALA A 116 11.24 -8.61 -3.51
N GLY A 117 10.90 -9.63 -2.71
CA GLY A 117 11.13 -9.59 -1.27
C GLY A 117 10.46 -8.37 -0.64
N GLU A 118 11.25 -7.63 0.13
CA GLU A 118 10.70 -6.56 0.96
CA GLU A 118 10.73 -6.53 0.96
C GLU A 118 10.14 -5.40 0.12
N VAL A 119 10.52 -5.34 -1.14
CA VAL A 119 10.19 -4.20 -1.99
C VAL A 119 8.68 -4.11 -2.23
N VAL A 120 7.99 -5.25 -2.27
CA VAL A 120 6.55 -5.20 -2.50
CA VAL A 120 6.57 -5.27 -2.57
C VAL A 120 5.81 -6.10 -1.52
N ALA A 121 6.41 -6.28 -0.35
CA ALA A 121 5.89 -7.20 0.68
C ALA A 121 4.50 -6.78 1.14
N HIS A 122 4.30 -5.50 1.36
CA HIS A 122 3.01 -5.06 1.91
C HIS A 122 1.87 -5.18 0.90
N ALA A 123 2.15 -4.95 -0.39
CA ALA A 123 1.11 -5.14 -1.39
C ALA A 123 0.79 -6.63 -1.60
N VAL A 124 1.85 -7.40 -1.81
CA VAL A 124 1.66 -8.81 -2.20
C VAL A 124 1.16 -9.68 -1.04
N GLY A 125 1.70 -9.43 0.16
CA GLY A 125 1.35 -10.26 1.32
C GLY A 125 2.08 -11.59 1.34
N PHE A 126 1.49 -12.59 1.98
CA PHE A 126 2.19 -13.86 2.11
C PHE A 126 1.16 -14.96 2.35
N THR A 127 1.62 -16.19 2.14
CA THR A 127 0.84 -17.39 2.45
C THR A 127 1.37 -18.01 3.74
N ASP A 128 0.58 -18.89 4.33
CA ASP A 128 1.04 -19.68 5.48
C ASP A 128 1.66 -21.01 5.06
N VAL A 129 2.00 -21.85 6.02
CA VAL A 129 2.64 -23.14 5.74
CA VAL A 129 2.67 -23.13 5.70
C VAL A 129 1.80 -24.05 4.84
N ASP A 130 0.48 -23.93 4.96
CA ASP A 130 -0.42 -24.67 4.08
C ASP A 130 -0.68 -24.00 2.73
N ASP A 131 0.06 -22.95 2.41
CA ASP A 131 -0.09 -22.31 1.10
C ASP A 131 -1.38 -21.48 0.94
N ARG A 132 -2.01 -21.13 2.05
CA ARG A 132 -3.23 -20.33 2.04
CA ARG A 132 -3.23 -20.31 2.03
C ARG A 132 -2.84 -18.85 2.19
N GLY A 133 -3.44 -17.98 1.39
CA GLY A 133 -3.15 -16.53 1.55
C GLY A 133 -3.61 -15.96 2.87
N ARG A 134 -2.75 -15.20 3.55
CA ARG A 134 -3.07 -14.66 4.86
C ARG A 134 -2.82 -13.17 5.07
N GLU A 135 -2.28 -12.49 4.05
CA GLU A 135 -2.02 -11.05 4.14
C GLU A 135 -2.02 -10.51 2.70
N GLY A 136 -2.32 -9.22 2.55
CA GLY A 136 -2.18 -8.57 1.25
C GLY A 136 -2.95 -9.18 0.10
N ILE A 137 -2.44 -9.04 -1.11
CA ILE A 137 -3.07 -9.61 -2.28
C ILE A 137 -3.26 -11.12 -2.18
N GLU A 138 -2.31 -11.79 -1.55
CA GLU A 138 -2.44 -13.25 -1.38
C GLU A 138 -3.77 -13.62 -0.73
N LEU A 139 -4.19 -12.82 0.25
CA LEU A 139 -5.46 -13.03 0.95
C LEU A 139 -6.62 -12.49 0.12
N ALA A 140 -6.51 -11.24 -0.33
CA ALA A 140 -7.60 -10.58 -1.06
C ALA A 140 -8.10 -11.41 -2.24
N PHE A 141 -7.18 -12.02 -2.98
CA PHE A 141 -7.49 -12.81 -4.16
C PHE A 141 -7.22 -14.29 -3.95
N ASP A 142 -7.31 -14.71 -2.70
CA ASP A 142 -7.06 -16.11 -2.39
C ASP A 142 -7.87 -17.09 -3.22
N GLU A 143 -9.15 -16.81 -3.43
CA GLU A 143 -9.98 -17.75 -4.18
C GLU A 143 -9.50 -17.89 -5.62
N TRP A 144 -9.18 -16.78 -6.28
CA TRP A 144 -8.64 -16.77 -7.62
C TRP A 144 -7.31 -17.54 -7.70
N LEU A 145 -6.43 -17.26 -6.75
CA LEU A 145 -5.04 -17.74 -6.77
C LEU A 145 -4.93 -19.21 -6.35
N ALA A 146 -5.79 -19.64 -5.44
CA ALA A 146 -5.67 -20.96 -4.83
C ALA A 146 -5.99 -22.17 -5.74
N GLY A 147 -6.92 -22.05 -6.67
CA GLY A 147 -7.32 -23.25 -7.41
C GLY A 147 -7.97 -24.22 -6.44
N VAL A 148 -7.85 -25.53 -6.68
CA VAL A 148 -8.55 -26.48 -5.81
C VAL A 148 -7.80 -27.80 -5.69
N PRO A 149 -7.59 -28.28 -4.46
CA PRO A 149 -6.80 -29.51 -4.31
C PRO A 149 -7.47 -30.72 -4.95
N GLY A 150 -6.66 -31.71 -5.30
CA GLY A 150 -7.18 -33.01 -5.72
C GLY A 150 -7.21 -33.99 -4.57
N LYS A 151 -7.48 -35.25 -4.92
CA LYS A 151 -7.55 -36.33 -3.95
C LYS A 151 -7.02 -37.57 -4.65
N ARG A 152 -6.14 -38.31 -3.97
CA ARG A 152 -5.72 -39.61 -4.48
C ARG A 152 -6.13 -40.67 -3.49
N GLN A 153 -6.83 -41.69 -3.96
CA GLN A 153 -7.12 -42.83 -3.10
C GLN A 153 -5.87 -43.71 -2.92
N VAL A 154 -5.61 -44.11 -1.68
CA VAL A 154 -4.43 -44.93 -1.40
C VAL A 154 -4.92 -46.27 -0.87
N LEU A 155 -4.07 -47.28 -0.98
CA LEU A 155 -4.32 -48.57 -0.35
C LEU A 155 -3.31 -48.66 0.79
N LYS A 156 -3.79 -49.01 1.98
CA LYS A 156 -2.91 -49.19 3.15
C LYS A 156 -3.15 -50.58 3.73
N ASP A 157 -2.16 -51.15 4.39
CA ASP A 157 -2.42 -52.34 5.19
C ASP A 157 -2.99 -51.99 6.57
N ARG A 158 -3.18 -52.99 7.41
CA ARG A 158 -3.89 -52.79 8.68
C ARG A 158 -3.01 -52.06 9.69
N ARG A 159 -1.71 -51.94 9.41
CA ARG A 159 -0.85 -51.09 10.23
C ARG A 159 -0.63 -49.70 9.66
N GLY A 160 -1.35 -49.35 8.60
CA GLY A 160 -1.15 -48.06 7.95
C GLY A 160 -0.03 -47.95 6.92
N ARG A 161 0.64 -49.05 6.63
CA ARG A 161 1.66 -49.01 5.58
C ARG A 161 1.04 -48.65 4.25
N VAL A 162 1.57 -47.62 3.60
CA VAL A 162 1.07 -47.20 2.29
C VAL A 162 1.61 -48.12 1.21
N ILE A 163 0.72 -48.90 0.61
CA ILE A 163 1.10 -49.84 -0.44
C ILE A 163 1.23 -49.13 -1.78
N LYS A 164 0.22 -48.34 -2.12
CA LYS A 164 0.23 -47.64 -3.39
C LYS A 164 -0.85 -46.57 -3.44
N ASP A 165 -0.70 -45.68 -4.41
CA ASP A 165 -1.81 -44.91 -4.98
C ASP A 165 -2.74 -45.72 -5.88
N VAL A 166 -4.02 -45.78 -5.50
CA VAL A 166 -5.01 -46.55 -6.24
C VAL A 166 -5.44 -45.76 -7.48
N GLN A 167 -5.64 -44.46 -7.30
CA GLN A 167 -5.98 -43.65 -8.45
C GLN A 167 -6.14 -42.21 -7.98
N VAL A 168 -6.10 -41.29 -8.93
CA VAL A 168 -6.45 -39.91 -8.66
C VAL A 168 -7.97 -39.79 -8.76
N THR A 169 -8.63 -39.67 -7.61
CA THR A 169 -10.07 -39.50 -7.61
C THR A 169 -10.39 -38.16 -8.27
N LYS A 170 -10.03 -37.07 -7.62
CA LYS A 170 -10.22 -35.73 -8.16
C LYS A 170 -8.86 -35.16 -8.55
N ASN A 171 -8.71 -34.70 -9.79
CA ASN A 171 -7.51 -33.97 -10.16
C ASN A 171 -7.46 -32.58 -9.53
N ALA A 172 -6.26 -32.16 -9.16
CA ALA A 172 -6.05 -30.78 -8.70
C ALA A 172 -6.30 -29.83 -9.87
N LYS A 173 -6.92 -28.68 -9.57
CA LYS A 173 -7.05 -27.64 -10.59
C LYS A 173 -6.14 -26.48 -10.19
N PRO A 174 -5.23 -26.07 -11.09
CA PRO A 174 -4.32 -25.00 -10.70
C PRO A 174 -5.06 -23.69 -10.48
N GLY A 175 -4.50 -22.85 -9.62
CA GLY A 175 -5.02 -21.48 -9.47
C GLY A 175 -4.69 -20.63 -10.68
N LYS A 176 -5.15 -19.39 -10.69
CA LYS A 176 -5.07 -18.56 -11.89
C LYS A 176 -4.06 -17.43 -11.70
N THR A 177 -3.39 -17.03 -12.78
CA THR A 177 -2.38 -15.98 -12.76
C THR A 177 -3.10 -14.65 -12.49
N LEU A 178 -2.42 -13.77 -11.76
CA LEU A 178 -2.96 -12.44 -11.46
C LEU A 178 -1.91 -11.37 -11.73
N ALA A 179 -2.21 -10.40 -12.61
CA ALA A 179 -1.31 -9.29 -12.91
C ALA A 179 -1.74 -8.05 -12.12
N LEU A 180 -0.85 -7.59 -11.25
CA LEU A 180 -1.19 -6.42 -10.43
C LEU A 180 -1.08 -5.16 -11.27
N SER A 181 -1.61 -4.07 -10.71
CA SER A 181 -1.42 -2.73 -11.28
C SER A 181 0.00 -2.21 -11.08
N ILE A 182 0.69 -2.71 -10.04
CA ILE A 182 2.03 -2.25 -9.71
C ILE A 182 2.99 -2.38 -10.88
N ASP A 183 3.79 -1.33 -11.10
CA ASP A 183 4.89 -1.37 -12.05
C ASP A 183 6.15 -1.56 -11.22
N LEU A 184 6.74 -2.75 -11.26
CA LEU A 184 7.86 -3.03 -10.39
C LEU A 184 9.02 -2.03 -10.51
N ARG A 185 9.21 -1.43 -11.69
CA ARG A 185 10.26 -0.43 -11.88
C ARG A 185 10.00 0.80 -11.01
N LEU A 186 8.75 1.25 -11.03
CA LEU A 186 8.36 2.39 -10.20
C LEU A 186 8.36 1.97 -8.75
N GLN A 187 7.98 0.74 -8.47
CA GLN A 187 7.95 0.28 -7.08
C GLN A 187 9.36 0.27 -6.48
N TYR A 188 10.36 -0.20 -7.23
CA TYR A 188 11.73 -0.19 -6.74
C TYR A 188 12.23 1.24 -6.45
N LEU A 189 11.98 2.18 -7.37
CA LEU A 189 12.38 3.58 -7.21
C LEU A 189 11.74 4.22 -5.96
N ALA A 190 10.41 4.11 -5.88
CA ALA A 190 9.69 4.57 -4.69
C ALA A 190 10.21 3.95 -3.39
N HIS A 191 10.42 2.63 -3.41
CA HIS A 191 10.97 1.96 -2.23
C HIS A 191 12.32 2.58 -1.82
N ARG A 192 13.24 2.73 -2.77
CA ARG A 192 14.57 3.27 -2.45
C ARG A 192 14.49 4.70 -1.91
N GLU A 193 13.71 5.53 -2.61
CA GLU A 193 13.66 6.94 -2.27
C GLU A 193 12.92 7.16 -0.96
N LEU A 194 11.88 6.37 -0.68
CA LEU A 194 11.24 6.49 0.62
C LEU A 194 12.18 6.08 1.74
N ARG A 195 12.85 4.94 1.56
CA ARG A 195 13.86 4.51 2.54
CA ARG A 195 13.85 4.51 2.53
C ARG A 195 14.93 5.59 2.72
N ASN A 196 15.42 6.14 1.62
CA ASN A 196 16.46 7.17 1.72
C ASN A 196 15.95 8.34 2.55
N ALA A 197 14.75 8.82 2.28
CA ALA A 197 14.28 10.02 2.97
C ALA A 197 14.03 9.72 4.44
N LEU A 198 13.62 8.49 4.74
CA LEU A 198 13.43 8.09 6.12
C LEU A 198 14.74 8.21 6.87
N LEU A 199 15.81 7.73 6.23
CA LEU A 199 17.12 7.71 6.86
C LEU A 199 17.72 9.12 6.95
N GLU A 200 17.50 9.93 5.91
CA GLU A 200 18.02 11.29 5.90
C GLU A 200 17.38 12.12 7.01
N ASN A 201 16.15 11.77 7.38
CA ASN A 201 15.38 12.56 8.36
C ASN A 201 15.23 11.90 9.72
N GLY A 202 15.85 10.75 9.90
CA GLY A 202 15.68 9.97 11.11
C GLY A 202 14.24 9.70 11.46
N ALA A 203 13.41 9.38 10.46
CA ALA A 203 11.98 9.21 10.72
C ALA A 203 11.61 7.80 11.15
N LYS A 204 10.41 7.67 11.74
CA LYS A 204 9.92 6.40 12.26
C LYS A 204 9.37 5.47 11.16
N ALA A 205 8.71 6.04 10.16
CA ALA A 205 7.90 5.23 9.25
C ALA A 205 7.48 6.13 8.09
N GLY A 206 6.93 5.55 7.04
CA GLY A 206 6.49 6.41 5.94
C GLY A 206 5.72 5.56 4.94
N SER A 207 5.07 6.25 4.00
CA SER A 207 4.46 5.58 2.87
CA SER A 207 4.39 5.61 2.89
C SER A 207 4.56 6.44 1.62
N LEU A 208 4.48 5.76 0.48
CA LEU A 208 4.51 6.48 -0.80
C LEU A 208 3.59 5.70 -1.71
N VAL A 209 2.65 6.42 -2.32
CA VAL A 209 1.70 5.85 -3.27
C VAL A 209 1.82 6.59 -4.60
N ILE A 210 1.83 5.84 -5.70
CA ILE A 210 1.79 6.46 -7.03
C ILE A 210 0.58 5.88 -7.76
N MET A 211 -0.22 6.75 -8.37
CA MET A 211 -1.41 6.29 -9.09
CA MET A 211 -1.47 6.39 -9.05
C MET A 211 -1.37 6.80 -10.52
N ASP A 212 -1.91 5.97 -11.41
CA ASP A 212 -2.18 6.41 -12.78
C ASP A 212 -3.47 7.21 -12.78
N VAL A 213 -3.39 8.49 -13.11
CA VAL A 213 -4.59 9.31 -12.96
C VAL A 213 -5.71 8.98 -13.95
N LYS A 214 -5.33 8.36 -15.06
CA LYS A 214 -6.28 8.06 -16.13
C LYS A 214 -6.98 6.73 -15.90
N THR A 215 -6.32 5.80 -15.21
CA THR A 215 -6.83 4.41 -15.21
C THR A 215 -7.21 3.91 -13.82
N GLY A 216 -6.87 4.68 -12.78
CA GLY A 216 -7.19 4.32 -11.39
C GLY A 216 -6.22 3.28 -10.82
N GLU A 217 -5.25 2.86 -11.63
CA GLU A 217 -4.26 1.87 -11.18
C GLU A 217 -3.28 2.39 -10.13
N ILE A 218 -3.05 1.57 -9.10
CA ILE A 218 -1.99 1.85 -8.13
C ILE A 218 -0.70 1.33 -8.71
N LEU A 219 0.16 2.24 -9.16
CA LEU A 219 1.40 1.86 -9.83
C LEU A 219 2.52 1.54 -8.84
N ALA A 220 2.46 2.14 -7.66
CA ALA A 220 3.38 1.78 -6.60
C ALA A 220 2.75 2.05 -5.24
N MET A 221 3.12 1.25 -4.25
CA MET A 221 2.59 1.42 -2.91
C MET A 221 3.64 0.75 -2.03
N THR A 222 4.37 1.59 -1.32
CA THR A 222 5.56 1.18 -0.54
C THR A 222 5.44 1.81 0.84
N ASN A 223 5.92 1.09 1.86
CA ASN A 223 5.95 1.64 3.21
C ASN A 223 7.25 1.30 3.89
N GLN A 224 7.55 2.08 4.91
CA GLN A 224 8.66 1.72 5.81
C GLN A 224 8.11 1.83 7.22
N PRO A 225 8.53 0.92 8.10
CA PRO A 225 9.46 -0.18 7.83
C PRO A 225 8.84 -1.27 6.99
N THR A 226 9.68 -2.16 6.46
CA THR A 226 9.16 -3.29 5.71
C THR A 226 9.87 -4.53 6.22
N TYR A 227 9.63 -5.63 5.53
CA TYR A 227 10.10 -6.95 5.97
C TYR A 227 10.32 -7.84 4.75
N ASN A 228 11.14 -8.87 4.92
CA ASN A 228 11.36 -9.81 3.84
C ASN A 228 10.41 -10.97 4.05
N PRO A 229 9.41 -11.12 3.18
CA PRO A 229 8.37 -12.13 3.36
C PRO A 229 8.89 -13.55 3.09
N ASN A 230 10.09 -13.66 2.52
CA ASN A 230 10.70 -14.97 2.32
C ASN A 230 11.30 -15.57 3.59
N ASN A 231 11.46 -14.72 4.59
CA ASN A 231 12.12 -15.15 5.81
C ASN A 231 11.12 -15.12 6.96
N ARG A 232 10.71 -16.30 7.40
CA ARG A 232 9.66 -16.40 8.41
C ARG A 232 10.21 -16.25 9.82
N ARG A 233 11.49 -15.89 9.96
CA ARG A 233 12.02 -15.76 11.32
C ARG A 233 12.20 -14.31 11.75
N ASN A 234 12.33 -14.11 13.06
CA ASN A 234 12.04 -12.81 13.65
C ASN A 234 10.57 -12.52 13.40
N LEU A 235 10.29 -11.81 12.32
CA LEU A 235 8.96 -11.26 12.06
C LEU A 235 8.56 -10.26 13.13
N GLN A 236 8.51 -8.99 12.72
CA GLN A 236 8.13 -7.91 13.62
C GLN A 236 6.86 -7.27 13.09
N PRO A 237 5.73 -7.59 13.72
CA PRO A 237 4.44 -7.21 13.15
C PRO A 237 4.35 -5.72 12.79
N ALA A 238 5.08 -4.86 13.48
CA ALA A 238 5.07 -3.45 13.13
C ALA A 238 5.67 -3.17 11.73
N ALA A 239 6.57 -4.03 11.29
CA ALA A 239 7.12 -3.87 9.95
C ALA A 239 6.16 -4.44 8.93
N MET A 240 5.15 -5.17 9.39
CA MET A 240 4.29 -5.85 8.45
C MET A 240 3.06 -5.00 8.09
N ARG A 241 2.96 -3.80 8.67
CA ARG A 241 1.78 -2.93 8.47
C ARG A 241 1.80 -2.30 7.06
N ASN A 242 0.78 -2.54 6.23
CA ASN A 242 0.62 -1.78 4.98
C ASN A 242 0.08 -0.38 5.28
N ARG A 243 0.96 0.51 5.72
CA ARG A 243 0.52 1.78 6.28
CA ARG A 243 0.54 1.80 6.27
C ARG A 243 -0.30 2.61 5.27
N ALA A 244 0.05 2.53 3.99
CA ALA A 244 -0.64 3.28 2.94
C ALA A 244 -2.14 3.04 2.96
N MET A 245 -2.53 1.83 3.35
CA MET A 245 -3.95 1.46 3.46
C MET A 245 -4.54 1.38 4.84
N ILE A 246 -3.70 1.25 5.87
CA ILE A 246 -4.17 0.99 7.22
CA ILE A 246 -4.20 1.01 7.21
C ILE A 246 -3.99 2.15 8.20
N ASP A 247 -3.01 3.01 7.97
CA ASP A 247 -2.76 4.09 8.91
C ASP A 247 -3.67 5.24 8.49
N VAL A 248 -4.38 5.79 9.45
CA VAL A 248 -5.17 6.97 9.15
C VAL A 248 -4.43 8.17 9.73
N PHE A 249 -4.60 9.31 9.09
CA PHE A 249 -3.90 10.50 9.55
C PHE A 249 -4.71 11.73 9.16
N GLU A 250 -4.46 12.83 9.83
CA GLU A 250 -5.12 14.09 9.46
C GLU A 250 -4.33 14.68 8.31
N PRO A 251 -5.01 14.98 7.20
CA PRO A 251 -4.26 15.41 6.02
C PRO A 251 -3.92 16.90 6.06
N GLY A 252 -4.51 17.64 6.99
CA GLY A 252 -4.17 19.06 7.14
C GLY A 252 -4.17 19.80 5.82
N SER A 253 -3.11 20.57 5.56
CA SER A 253 -3.08 21.55 4.49
C SER A 253 -3.23 20.88 3.13
N THR A 254 -3.02 19.57 3.02
CA THR A 254 -3.12 18.91 1.70
CA THR A 254 -3.12 18.90 1.72
C THR A 254 -4.55 18.83 1.21
N VAL A 255 -5.52 19.14 2.05
CA VAL A 255 -6.89 19.18 1.50
C VAL A 255 -7.35 20.56 1.06
N LYS A 256 -6.50 21.56 1.28
CA LYS A 256 -6.92 22.91 0.90
C LYS A 256 -7.31 23.00 -0.58
N PRO A 257 -6.70 22.21 -1.47
CA PRO A 257 -7.17 22.36 -2.87
C PRO A 257 -8.60 21.90 -3.11
N PHE A 258 -9.11 21.02 -2.25
CA PHE A 258 -10.51 20.61 -2.35
C PHE A 258 -11.43 21.70 -1.80
N SER A 259 -11.00 22.35 -0.73
CA SER A 259 -11.73 23.52 -0.25
C SER A 259 -11.76 24.57 -1.37
N MET A 260 -10.64 24.74 -2.06
CA MET A 260 -10.54 25.76 -3.10
C MET A 260 -11.45 25.37 -4.28
N SER A 261 -11.50 24.09 -4.60
CA SER A 261 -12.42 23.64 -5.65
C SER A 261 -13.89 24.00 -5.35
N ALA A 262 -14.31 23.76 -4.11
CA ALA A 262 -15.64 24.18 -3.66
C ALA A 262 -15.81 25.71 -3.83
N ALA A 263 -14.81 26.49 -3.42
CA ALA A 263 -14.88 27.95 -3.55
C ALA A 263 -15.08 28.36 -5.03
N LEU A 264 -14.28 27.81 -5.93
CA LEU A 264 -14.36 28.17 -7.33
C LEU A 264 -15.67 27.68 -7.99
N ALA A 265 -16.21 26.59 -7.48
CA ALA A 265 -17.48 26.04 -8.00
C ALA A 265 -18.68 26.80 -7.49
N SER A 266 -18.50 27.62 -6.46
CA SER A 266 -19.67 28.26 -5.81
C SER A 266 -20.18 29.46 -6.60
N GLY A 267 -19.34 30.01 -7.47
CA GLY A 267 -19.69 31.23 -8.21
C GLY A 267 -19.24 32.49 -7.50
N ARG A 268 -18.71 32.34 -6.29
CA ARG A 268 -18.44 33.48 -5.43
C ARG A 268 -16.98 33.87 -5.36
N TRP A 269 -16.11 33.06 -5.97
CA TRP A 269 -14.66 33.21 -5.83
C TRP A 269 -13.95 33.01 -7.15
N LYS A 270 -12.92 33.82 -7.41
CA LYS A 270 -11.99 33.58 -8.50
C LYS A 270 -10.55 33.65 -7.97
N PRO A 271 -9.58 33.12 -8.73
CA PRO A 271 -8.22 33.03 -8.21
C PRO A 271 -7.62 34.37 -7.83
N SER A 272 -8.05 35.46 -8.48
CA SER A 272 -7.43 36.75 -8.20
C SER A 272 -8.09 37.46 -7.02
N ASP A 273 -9.11 36.82 -6.43
CA ASP A 273 -9.72 37.40 -5.24
C ASP A 273 -8.72 37.43 -4.11
N ILE A 274 -8.94 38.37 -3.19
CA ILE A 274 -8.04 38.65 -2.08
C ILE A 274 -8.73 38.34 -0.75
N VAL A 275 -7.98 37.76 0.18
CA VAL A 275 -8.49 37.58 1.54
C VAL A 275 -7.47 38.21 2.47
N ASP A 276 -7.97 38.88 3.50
CA ASP A 276 -7.05 39.50 4.47
C ASP A 276 -6.86 38.57 5.66
N VAL A 277 -5.64 38.06 5.81
CA VAL A 277 -5.35 37.12 6.89
C VAL A 277 -4.62 37.69 8.10
N TYR A 278 -4.39 39.00 8.09
CA TYR A 278 -3.71 39.61 9.22
C TYR A 278 -4.57 39.50 10.47
N PRO A 279 -3.94 39.29 11.65
CA PRO A 279 -2.51 39.19 11.92
C PRO A 279 -2.00 37.75 11.97
N GLY A 280 -2.61 36.88 11.18
CA GLY A 280 -2.20 35.48 11.14
C GLY A 280 -2.85 34.58 12.19
N THR A 281 -3.86 35.10 12.88
CA THR A 281 -4.66 34.29 13.79
C THR A 281 -6.10 34.74 13.60
N LEU A 282 -7.05 33.88 13.97
CA LEU A 282 -8.44 34.31 13.90
C LEU A 282 -9.14 33.60 15.04
N GLN A 283 -9.76 34.40 15.89
CA GLN A 283 -10.45 33.82 17.04
C GLN A 283 -11.87 33.38 16.67
N ILE A 284 -12.19 32.14 17.00
CA ILE A 284 -13.56 31.63 16.84
C ILE A 284 -14.06 31.13 18.18
N GLY A 285 -14.79 31.98 18.90
CA GLY A 285 -15.12 31.74 20.29
C GLY A 285 -13.89 31.40 21.12
N ARG A 286 -13.87 30.18 21.65
CA ARG A 286 -12.81 29.76 22.54
C ARG A 286 -11.62 29.21 21.76
N TYR A 287 -11.79 29.07 20.45
CA TYR A 287 -10.78 28.41 19.63
C TYR A 287 -10.07 29.47 18.78
N THR A 288 -8.77 29.31 18.59
CA THR A 288 -8.04 30.22 17.71
C THR A 288 -7.38 29.48 16.55
N ILE A 289 -7.69 29.92 15.34
CA ILE A 289 -7.01 29.44 14.15
C ILE A 289 -5.70 30.18 14.06
N ARG A 290 -4.63 29.45 13.75
CA ARG A 290 -3.30 30.02 13.76
C ARG A 290 -2.58 29.59 12.50
N ASP A 291 -2.03 30.55 11.78
CA ASP A 291 -1.27 30.26 10.57
C ASP A 291 0.17 29.85 10.86
N VAL A 292 0.70 28.96 10.02
CA VAL A 292 2.09 28.49 10.13
C VAL A 292 3.06 29.68 10.02
N SER A 293 2.76 30.61 9.11
CA SER A 293 3.50 31.86 9.06
CA SER A 293 3.50 31.86 8.99
C SER A 293 2.56 33.05 9.22
N ARG A 294 3.01 34.06 9.96
CA ARG A 294 2.09 35.10 10.41
C ARG A 294 2.59 36.50 10.04
N ASN A 295 3.05 36.58 8.81
CA ASN A 295 3.71 37.75 8.27
C ASN A 295 2.91 38.24 7.05
N SER A 296 1.61 37.95 6.99
CA SER A 296 0.80 38.31 5.82
C SER A 296 -0.42 39.16 6.17
N ARG A 297 -0.88 39.93 5.18
CA ARG A 297 -2.17 40.60 5.26
C ARG A 297 -2.99 40.14 4.07
N GLN A 298 -2.95 40.85 2.93
CA GLN A 298 -3.72 40.38 1.77
C GLN A 298 -3.00 39.25 1.05
N LEU A 299 -3.74 38.17 0.77
CA LEU A 299 -3.24 37.09 -0.09
C LEU A 299 -4.33 36.81 -1.12
N ASP A 300 -3.90 36.55 -2.36
CA ASP A 300 -4.84 36.01 -3.31
C ASP A 300 -5.03 34.51 -3.10
N LEU A 301 -5.91 33.89 -3.87
CA LEU A 301 -6.25 32.51 -3.53
C LEU A 301 -5.05 31.58 -3.73
N THR A 302 -4.24 31.82 -4.77
CA THR A 302 -3.03 31.03 -4.93
C THR A 302 -2.06 31.27 -3.78
N GLY A 303 -1.98 32.52 -3.33
CA GLY A 303 -1.16 32.86 -2.16
C GLY A 303 -1.58 32.12 -0.89
N ILE A 304 -2.88 31.93 -0.71
CA ILE A 304 -3.35 31.18 0.44
C ILE A 304 -2.78 29.77 0.39
N LEU A 305 -2.71 29.20 -0.80
CA LEU A 305 -2.15 27.85 -0.92
C LEU A 305 -0.63 27.89 -0.75
N ILE A 306 0.04 28.85 -1.36
CA ILE A 306 1.51 28.96 -1.26
C ILE A 306 1.96 29.14 0.19
N LYS A 307 1.30 30.07 0.89
CA LYS A 307 1.58 30.35 2.28
C LYS A 307 0.98 29.29 3.20
N SER A 308 0.07 28.48 2.68
CA SER A 308 -0.62 27.47 3.47
C SER A 308 -1.33 28.08 4.68
N SER A 309 -2.15 29.08 4.40
CA SER A 309 -2.81 29.87 5.46
C SER A 309 -4.13 29.25 5.91
N ASN A 310 -4.15 28.76 7.14
CA ASN A 310 -5.39 28.22 7.69
C ASN A 310 -6.45 29.31 7.81
N VAL A 311 -6.00 30.51 8.21
CA VAL A 311 -6.94 31.62 8.35
C VAL A 311 -7.59 31.94 6.98
N GLY A 312 -6.79 31.99 5.92
CA GLY A 312 -7.33 32.33 4.61
C GLY A 312 -8.37 31.33 4.15
N ILE A 313 -8.05 30.04 4.28
CA ILE A 313 -9.00 29.03 3.79
C ILE A 313 -10.23 29.01 4.68
N SER A 314 -10.07 29.28 5.98
CA SER A 314 -11.23 29.34 6.85
C SER A 314 -12.21 30.45 6.46
N LYS A 315 -11.67 31.62 6.10
CA LYS A 315 -12.56 32.71 5.78
C LYS A 315 -13.33 32.43 4.49
N ILE A 316 -12.66 31.78 3.54
CA ILE A 316 -13.36 31.35 2.34
C ILE A 316 -14.46 30.35 2.71
N ALA A 317 -14.13 29.40 3.57
CA ALA A 317 -15.10 28.39 4.06
C ALA A 317 -16.33 29.02 4.69
N PHE A 318 -16.13 30.06 5.50
CA PHE A 318 -17.30 30.70 6.13
C PHE A 318 -18.21 31.29 5.05
N ASP A 319 -17.57 31.82 4.01
CA ASP A 319 -18.34 32.45 2.93
C ASP A 319 -19.14 31.45 2.12
N ILE A 320 -18.54 30.32 1.77
CA ILE A 320 -19.21 29.37 0.87
C ILE A 320 -20.02 28.29 1.59
N GLY A 321 -19.72 28.11 2.87
CA GLY A 321 -20.38 27.11 3.73
C GLY A 321 -19.71 25.74 3.67
N ALA A 322 -19.75 25.04 4.80
CA ALA A 322 -19.06 23.76 4.89
C ALA A 322 -19.69 22.68 4.04
N GLU A 323 -21.01 22.74 3.85
CA GLU A 323 -21.66 21.69 3.06
C GLU A 323 -20.98 21.53 1.70
N SER A 324 -20.68 22.65 1.05
CA SER A 324 -20.05 22.56 -0.29
C SER A 324 -18.67 21.88 -0.23
N ILE A 325 -17.93 22.16 0.83
CA ILE A 325 -16.60 21.60 1.01
C ILE A 325 -16.70 20.11 1.35
N TYR A 326 -17.57 19.77 2.30
CA TYR A 326 -17.80 18.36 2.62
C TYR A 326 -18.19 17.57 1.38
N SER A 327 -19.06 18.12 0.56
CA SER A 327 -19.45 17.41 -0.64
CA SER A 327 -19.45 17.39 -0.63
C SER A 327 -18.28 17.09 -1.57
N VAL A 328 -17.40 18.05 -1.80
CA VAL A 328 -16.27 17.79 -2.69
C VAL A 328 -15.38 16.73 -2.05
N MET A 329 -15.07 16.90 -0.76
CA MET A 329 -14.21 15.91 -0.11
C MET A 329 -14.81 14.51 -0.13
N GLN A 330 -16.12 14.41 0.07
CA GLN A 330 -16.78 13.13 0.05
C GLN A 330 -16.70 12.53 -1.36
N GLN A 331 -16.97 13.38 -2.35
CA GLN A 331 -16.96 12.91 -3.73
C GLN A 331 -15.62 12.45 -4.25
N VAL A 332 -14.54 13.06 -3.76
CA VAL A 332 -13.21 12.64 -4.22
C VAL A 332 -12.71 11.46 -3.35
N GLY A 333 -13.51 11.06 -2.36
CA GLY A 333 -13.26 9.80 -1.68
C GLY A 333 -12.60 9.88 -0.31
N LEU A 334 -12.46 11.08 0.24
CA LEU A 334 -11.79 11.22 1.53
C LEU A 334 -12.70 10.66 2.62
N GLY A 335 -12.17 9.77 3.45
CA GLY A 335 -12.98 9.15 4.49
C GLY A 335 -14.03 8.17 3.99
N GLN A 336 -13.87 7.71 2.74
CA GLN A 336 -14.87 6.87 2.12
C GLN A 336 -14.27 5.50 1.76
N ASP A 337 -15.08 4.46 1.76
CA ASP A 337 -14.59 3.15 1.33
C ASP A 337 -14.04 3.18 -0.09
N THR A 338 -12.85 2.61 -0.29
CA THR A 338 -12.23 2.61 -1.62
C THR A 338 -12.84 1.58 -2.57
N GLY A 339 -13.49 0.58 -1.99
CA GLY A 339 -14.06 -0.49 -2.81
C GLY A 339 -13.02 -1.45 -3.34
N LEU A 340 -11.81 -1.38 -2.78
CA LEU A 340 -10.78 -2.39 -3.08
C LEU A 340 -11.04 -3.64 -2.24
N GLY A 341 -10.40 -4.75 -2.58
CA GLY A 341 -10.66 -5.94 -1.76
C GLY A 341 -10.00 -6.00 -0.40
N PHE A 342 -9.30 -4.95 0.03
CA PHE A 342 -7.99 -5.17 0.63
C PHE A 342 -8.04 -5.43 2.13
N PRO A 343 -7.43 -6.54 2.58
CA PRO A 343 -7.51 -6.90 3.99
C PRO A 343 -6.93 -5.82 4.89
N GLY A 344 -7.73 -5.40 5.87
CA GLY A 344 -7.28 -4.52 6.91
C GLY A 344 -7.40 -3.05 6.56
N GLU A 345 -7.85 -2.74 5.35
CA GLU A 345 -7.84 -1.35 4.87
C GLU A 345 -8.78 -0.55 5.74
N ARG A 346 -8.35 0.63 6.17
CA ARG A 346 -9.20 1.50 7.00
C ARG A 346 -9.82 2.62 6.17
N VAL A 347 -10.83 3.30 6.70
CA VAL A 347 -11.66 4.19 5.90
C VAL A 347 -11.41 5.62 6.37
N GLY A 348 -10.87 5.77 7.59
CA GLY A 348 -10.74 7.06 8.22
C GLY A 348 -12.10 7.65 8.53
N ASN A 349 -12.19 8.98 8.54
CA ASN A 349 -13.44 9.63 8.89
C ASN A 349 -13.53 11.04 8.36
N LEU A 350 -14.59 11.31 7.61
CA LEU A 350 -14.88 12.66 7.16
C LEU A 350 -16.14 13.06 7.93
N PRO A 351 -15.99 13.94 8.92
CA PRO A 351 -17.12 14.23 9.80
C PRO A 351 -18.26 14.92 9.06
N ASN A 352 -19.50 14.61 9.39
CA ASN A 352 -20.60 15.34 8.80
C ASN A 352 -21.37 16.00 9.93
N HIS A 353 -22.13 17.03 9.58
CA HIS A 353 -23.01 17.69 10.54
C HIS A 353 -24.38 17.94 9.96
N ARG A 354 -25.38 17.94 10.83
CA ARG A 354 -26.70 18.37 10.42
C ARG A 354 -26.64 19.86 10.11
N LYS A 355 -26.03 20.62 11.02
CA LYS A 355 -25.79 22.03 10.82
C LYS A 355 -24.36 22.28 11.23
N TRP A 356 -23.58 22.88 10.33
CA TRP A 356 -22.17 23.08 10.62
C TRP A 356 -21.95 24.34 11.44
N PRO A 357 -21.42 24.20 12.66
CA PRO A 357 -20.96 25.37 13.38
C PRO A 357 -19.71 25.99 12.73
N LYS A 358 -19.38 27.19 13.17
CA LYS A 358 -18.26 27.93 12.59
C LYS A 358 -16.90 27.25 12.77
N ALA A 359 -16.60 26.81 13.98
CA ALA A 359 -15.31 26.17 14.23
C ALA A 359 -15.12 24.95 13.33
N GLU A 360 -16.16 24.14 13.21
CA GLU A 360 -16.04 22.90 12.47
C GLU A 360 -15.95 23.19 10.98
N THR A 361 -16.56 24.30 10.56
CA THR A 361 -16.47 24.70 9.15
C THR A 361 -15.00 25.02 8.84
N ALA A 362 -14.32 25.75 9.73
CA ALA A 362 -12.93 26.15 9.48
C ALA A 362 -12.04 24.92 9.48
N THR A 363 -12.18 24.09 10.51
CA THR A 363 -11.27 22.96 10.65
C THR A 363 -11.42 21.95 9.51
N LEU A 364 -12.64 21.72 9.02
CA LEU A 364 -12.83 20.89 7.84
C LEU A 364 -12.00 21.44 6.67
N ALA A 365 -12.08 22.76 6.48
CA ALA A 365 -11.49 23.41 5.31
C ALA A 365 -9.99 23.27 5.28
N TYR A 366 -9.35 23.20 6.46
CA TYR A 366 -7.90 22.99 6.49
C TYR A 366 -7.44 21.62 7.01
N GLY A 367 -8.35 20.65 6.97
CA GLY A 367 -7.97 19.25 7.10
C GLY A 367 -7.63 18.79 8.51
N TYR A 368 -8.19 19.50 9.50
CA TYR A 368 -7.93 19.19 10.92
C TYR A 368 -9.15 18.44 11.46
N GLY A 369 -8.92 17.38 12.22
CA GLY A 369 -10.05 16.60 12.77
C GLY A 369 -10.82 15.76 11.75
N LEU A 370 -10.20 15.46 10.62
CA LEU A 370 -10.74 14.42 9.75
C LEU A 370 -9.54 13.54 9.47
N SER A 371 -9.79 12.30 9.07
CA SER A 371 -8.70 11.36 8.88
C SER A 371 -8.88 10.58 7.59
N VAL A 372 -7.76 10.34 6.93
CA VAL A 372 -7.77 9.68 5.64
C VAL A 372 -6.60 8.74 5.63
N THR A 373 -6.55 7.89 4.63
CA THR A 373 -5.37 7.09 4.34
C THR A 373 -4.57 7.66 3.16
N ALA A 374 -3.32 7.23 3.01
CA ALA A 374 -2.50 7.77 1.92
C ALA A 374 -3.13 7.38 0.56
N ILE A 375 -3.72 6.19 0.50
CA ILE A 375 -4.37 5.73 -0.73
C ILE A 375 -5.54 6.66 -1.05
N GLN A 376 -6.37 6.98 -0.05
CA GLN A 376 -7.44 7.94 -0.34
C GLN A 376 -6.93 9.29 -0.82
N LEU A 377 -5.92 9.81 -0.12
CA LEU A 377 -5.40 11.11 -0.51
C LEU A 377 -4.85 11.09 -1.95
N ALA A 378 -4.17 10.02 -2.33
CA ALA A 378 -3.60 9.95 -3.67
C ALA A 378 -4.77 9.85 -4.66
N HIS A 379 -5.81 9.10 -4.31
CA HIS A 379 -6.98 8.94 -5.20
C HIS A 379 -7.67 10.28 -5.41
N ALA A 380 -7.76 11.10 -4.36
CA ALA A 380 -8.40 12.42 -4.50
C ALA A 380 -7.58 13.32 -5.41
N TYR A 381 -6.26 13.35 -5.20
CA TYR A 381 -5.39 14.05 -6.16
C TYR A 381 -5.47 13.56 -7.60
N ALA A 382 -5.58 12.25 -7.78
CA ALA A 382 -5.77 11.71 -9.12
C ALA A 382 -7.05 12.26 -9.79
N ALA A 383 -8.14 12.40 -9.02
CA ALA A 383 -9.38 12.98 -9.56
C ALA A 383 -9.13 14.42 -10.01
N LEU A 384 -8.47 15.22 -9.17
CA LEU A 384 -8.16 16.60 -9.54
C LEU A 384 -7.33 16.64 -10.82
N ALA A 385 -6.32 15.77 -10.86
CA ALA A 385 -5.40 15.72 -11.99
C ALA A 385 -6.08 15.25 -13.30
N ASN A 386 -7.05 14.36 -13.17
CA ASN A 386 -7.72 13.75 -14.32
C ASN A 386 -8.89 14.65 -14.74
N ASP A 387 -8.64 15.97 -14.71
CA ASP A 387 -9.64 16.97 -15.10
C ASP A 387 -10.95 16.79 -14.34
N GLY A 388 -10.83 16.38 -13.09
CA GLY A 388 -11.96 16.32 -12.18
C GLY A 388 -12.74 15.01 -12.23
N LYS A 389 -12.26 14.05 -13.02
CA LYS A 389 -12.96 12.77 -13.15
C LYS A 389 -12.29 11.71 -12.27
N SER A 390 -13.05 11.14 -11.33
CA SER A 390 -12.53 10.04 -10.51
CA SER A 390 -12.54 10.04 -10.50
C SER A 390 -12.75 8.68 -11.16
N VAL A 391 -11.69 7.89 -11.23
CA VAL A 391 -11.73 6.52 -11.78
C VAL A 391 -11.54 5.60 -10.59
N PRO A 392 -12.35 4.53 -10.48
CA PRO A 392 -12.26 3.66 -9.31
C PRO A 392 -10.86 3.07 -9.19
N LEU A 393 -10.42 2.89 -7.95
CA LEU A 393 -9.09 2.37 -7.69
C LEU A 393 -9.00 0.93 -8.13
N SER A 394 -7.80 0.53 -8.56
CA SER A 394 -7.49 -0.86 -8.85
C SER A 394 -6.08 -1.25 -8.40
N MET A 395 -6.00 -2.43 -7.77
CA MET A 395 -4.73 -3.07 -7.48
C MET A 395 -4.37 -4.12 -8.52
N THR A 396 -5.23 -4.28 -9.53
CA THR A 396 -4.93 -5.21 -10.64
C THR A 396 -4.79 -4.43 -11.94
N ARG A 397 -4.07 -5.00 -12.90
CA ARG A 397 -3.84 -4.34 -14.18
C ARG A 397 -5.18 -4.06 -14.88
N VAL A 398 -5.34 -2.83 -15.36
CA VAL A 398 -6.60 -2.38 -15.92
C VAL A 398 -6.41 -2.39 -17.43
N ASP A 399 -7.17 -3.20 -18.14
CA ASP A 399 -7.01 -3.26 -19.58
C ASP A 399 -8.10 -2.40 -20.25
N ARG A 400 -9.34 -2.53 -19.81
CA ARG A 400 -10.41 -1.61 -20.20
C ARG A 400 -10.72 -0.65 -19.06
N VAL A 401 -10.55 0.64 -19.30
CA VAL A 401 -10.68 1.62 -18.23
C VAL A 401 -12.16 1.90 -17.94
N PRO A 402 -12.58 1.83 -16.67
CA PRO A 402 -13.99 2.12 -16.41
C PRO A 402 -14.35 3.58 -16.67
N ASP A 403 -15.64 3.85 -16.81
CA ASP A 403 -16.10 5.18 -17.13
C ASP A 403 -15.78 6.25 -16.08
N GLY A 404 -15.80 5.91 -14.80
CA GLY A 404 -15.47 6.92 -13.79
C GLY A 404 -16.58 7.95 -13.60
N VAL A 405 -16.32 8.95 -12.77
CA VAL A 405 -17.39 9.84 -12.33
C VAL A 405 -16.84 11.25 -12.31
N GLN A 406 -17.57 12.18 -12.90
CA GLN A 406 -17.07 13.55 -12.98
C GLN A 406 -17.43 14.26 -11.68
N VAL A 407 -16.48 14.39 -10.76
CA VAL A 407 -16.72 14.87 -9.39
C VAL A 407 -16.47 16.35 -9.20
N ILE A 408 -15.54 16.92 -9.96
CA ILE A 408 -15.28 18.35 -9.99
C ILE A 408 -15.38 18.79 -11.45
N SER A 409 -15.92 19.97 -11.72
CA SER A 409 -16.07 20.38 -13.11
C SER A 409 -14.71 20.49 -13.80
N PRO A 410 -14.63 20.11 -15.09
CA PRO A 410 -13.32 20.22 -15.74
C PRO A 410 -12.73 21.63 -15.64
N GLU A 411 -13.56 22.68 -15.74
CA GLU A 411 -13.02 24.02 -15.67
C GLU A 411 -12.39 24.31 -14.30
N VAL A 412 -13.12 23.93 -13.25
CA VAL A 412 -12.61 24.13 -11.91
C VAL A 412 -11.37 23.27 -11.68
N ALA A 413 -11.42 22.00 -12.07
CA ALA A 413 -10.21 21.18 -11.99
C ALA A 413 -9.01 21.83 -12.68
N SER A 414 -9.23 22.34 -13.89
CA SER A 414 -8.16 23.01 -14.63
CA SER A 414 -8.16 23.01 -14.63
C SER A 414 -7.60 24.19 -13.83
N THR A 415 -8.49 25.00 -13.26
CA THR A 415 -8.02 26.18 -12.54
C THR A 415 -7.18 25.75 -11.33
N VAL A 416 -7.67 24.75 -10.60
CA VAL A 416 -6.96 24.29 -9.41
C VAL A 416 -5.59 23.66 -9.79
N GLN A 417 -5.55 22.92 -10.89
CA GLN A 417 -4.29 22.40 -11.41
C GLN A 417 -3.29 23.53 -11.59
N GLY A 418 -3.74 24.61 -12.21
CA GLY A 418 -2.85 25.74 -12.48
C GLY A 418 -2.39 26.38 -11.18
N MET A 419 -3.28 26.50 -10.21
CA MET A 419 -2.86 27.04 -8.92
C MET A 419 -1.82 26.16 -8.23
N LEU A 420 -2.01 24.83 -8.31
CA LEU A 420 -1.08 23.91 -7.67
C LEU A 420 0.27 23.87 -8.40
N GLN A 421 0.26 24.16 -9.71
CA GLN A 421 1.53 24.36 -10.41
C GLN A 421 2.26 25.58 -9.87
N GLN A 422 1.53 26.66 -9.62
CA GLN A 422 2.12 27.83 -8.99
C GLN A 422 2.61 27.53 -7.57
N VAL A 423 1.89 26.70 -6.84
CA VAL A 423 2.37 26.36 -5.50
C VAL A 423 3.79 25.80 -5.57
N VAL A 424 4.06 24.98 -6.59
CA VAL A 424 5.38 24.36 -6.76
C VAL A 424 6.40 25.35 -7.34
N GLU A 425 5.97 26.15 -8.32
CA GLU A 425 6.89 26.89 -9.20
C GLU A 425 7.08 28.37 -8.82
N ALA A 426 6.11 28.97 -8.14
CA ALA A 426 6.12 30.40 -7.87
C ALA A 426 7.12 30.80 -6.79
N GLN A 427 7.52 32.06 -6.79
CA GLN A 427 8.30 32.62 -5.69
C GLN A 427 7.67 32.39 -4.33
N GLY A 428 8.45 31.84 -3.41
CA GLY A 428 7.98 31.53 -2.07
C GLY A 428 7.27 30.19 -1.99
N GLY A 429 7.15 29.49 -3.11
CA GLY A 429 6.48 28.19 -3.11
C GLY A 429 7.34 27.00 -2.71
N VAL A 430 6.83 25.81 -3.02
CA VAL A 430 7.43 24.57 -2.54
C VAL A 430 8.48 24.10 -3.55
N PHE A 431 9.59 24.82 -3.58
CA PHE A 431 10.53 24.67 -4.68
C PHE A 431 11.20 23.31 -4.67
N ARG A 432 11.26 22.66 -3.51
CA ARG A 432 11.89 21.34 -3.41
C ARG A 432 11.07 20.25 -4.12
N ALA A 433 9.80 20.55 -4.43
CA ALA A 433 8.96 19.60 -5.16
C ALA A 433 9.12 19.72 -6.68
N GLN A 434 9.83 20.74 -7.14
CA GLN A 434 10.05 20.87 -8.59
C GLN A 434 10.74 19.63 -9.19
N VAL A 435 10.25 19.20 -10.34
CA VAL A 435 10.72 17.97 -10.95
C VAL A 435 11.59 18.31 -12.14
N PRO A 436 12.88 17.93 -12.08
CA PRO A 436 13.76 18.21 -13.21
C PRO A 436 13.13 17.73 -14.51
N GLY A 437 13.01 18.66 -15.46
CA GLY A 437 12.51 18.35 -16.79
C GLY A 437 11.02 18.52 -17.03
N TYR A 438 10.23 18.71 -15.95
CA TYR A 438 8.77 18.68 -16.07
C TYR A 438 8.18 19.80 -15.23
N HIS A 439 7.01 20.27 -15.63
CA HIS A 439 6.16 21.03 -14.73
C HIS A 439 5.40 20.05 -13.83
N ALA A 440 5.33 20.38 -12.55
CA ALA A 440 4.55 19.54 -11.64
C ALA A 440 3.68 20.44 -10.77
N ALA A 441 2.76 19.82 -10.03
CA ALA A 441 1.81 20.60 -9.23
C ALA A 441 1.54 19.81 -7.93
N GLY A 442 1.32 20.52 -6.83
CA GLY A 442 0.95 19.78 -5.62
C GLY A 442 0.91 20.71 -4.43
N LYS A 443 0.77 20.10 -3.26
CA LYS A 443 0.56 20.85 -2.03
C LYS A 443 1.23 20.10 -0.89
N SER A 444 1.99 20.83 -0.09
CA SER A 444 2.61 20.27 1.13
CA SER A 444 2.59 20.24 1.11
C SER A 444 1.64 20.31 2.31
N GLY A 445 1.90 19.48 3.32
CA GLY A 445 1.19 19.62 4.57
C GLY A 445 2.09 19.17 5.72
N THR A 446 1.74 19.61 6.92
CA THR A 446 2.38 19.15 8.14
C THR A 446 1.29 19.01 9.19
N ALA A 447 1.23 17.85 9.82
CA ALA A 447 0.20 17.60 10.82
C ALA A 447 0.87 17.38 12.17
N ARG A 448 0.41 18.10 13.18
CA ARG A 448 0.88 17.84 14.53
C ARG A 448 0.10 16.64 15.05
N LYS A 449 0.79 15.58 15.47
CA LYS A 449 0.12 14.32 15.78
C LYS A 449 -0.66 14.35 17.11
N ASN A 460 6.85 17.75 20.63
CA ASN A 460 5.83 17.61 19.60
C ASN A 460 6.24 16.55 18.57
N ALA A 461 5.25 15.91 17.96
CA ALA A 461 5.49 14.86 16.99
C ALA A 461 4.68 15.20 15.74
N TYR A 462 5.29 15.06 14.56
CA TYR A 462 4.70 15.58 13.33
C TYR A 462 4.62 14.49 12.27
N ARG A 463 3.73 14.67 11.30
CA ARG A 463 3.76 13.89 10.08
C ARG A 463 3.92 14.87 8.93
N SER A 464 4.87 14.58 8.04
CA SER A 464 5.20 15.46 6.93
CA SER A 464 5.21 15.44 6.93
C SER A 464 4.57 14.89 5.65
N LEU A 465 3.83 15.73 4.92
CA LEU A 465 3.05 15.27 3.75
C LEU A 465 3.42 16.07 2.50
N PHE A 466 3.41 15.39 1.36
CA PHE A 466 3.27 16.10 0.10
C PHE A 466 2.38 15.30 -0.83
N ALA A 467 1.48 15.97 -1.51
CA ALA A 467 0.61 15.29 -2.48
C ALA A 467 0.65 16.09 -3.77
N GLY A 468 0.69 15.41 -4.91
CA GLY A 468 0.79 16.19 -6.15
C GLY A 468 0.66 15.32 -7.36
N PHE A 469 0.87 15.92 -8.54
CA PHE A 469 0.74 15.16 -9.79
C PHE A 469 1.60 15.82 -10.85
N ALA A 470 1.84 15.08 -11.94
CA ALA A 470 2.67 15.63 -13.04
C ALA A 470 2.42 14.79 -14.29
N PRO A 471 2.76 15.34 -15.46
CA PRO A 471 3.11 16.76 -15.58
C PRO A 471 1.91 17.65 -15.25
N ALA A 472 2.11 18.95 -15.05
CA ALA A 472 1.00 19.78 -14.58
C ALA A 472 -0.06 20.00 -15.65
N THR A 473 0.38 19.96 -16.90
CA THR A 473 -0.52 19.88 -18.04
C THR A 473 -0.54 18.48 -18.66
N ASP A 474 -1.73 17.97 -18.94
CA ASP A 474 -1.87 16.57 -19.29
CA ASP A 474 -1.87 16.56 -19.28
C ASP A 474 -1.24 15.70 -18.20
N PRO A 475 -1.70 15.87 -16.95
CA PRO A 475 -1.19 14.98 -15.89
C PRO A 475 -1.36 13.50 -16.20
N ARG A 476 -0.39 12.75 -15.71
CA ARG A 476 -0.33 11.30 -15.94
C ARG A 476 -0.26 10.54 -14.62
N ILE A 477 0.49 11.04 -13.63
CA ILE A 477 0.56 10.30 -12.37
C ILE A 477 0.37 11.21 -11.15
N ALA A 478 -0.24 10.67 -10.10
CA ALA A 478 -0.37 11.42 -8.84
C ALA A 478 0.41 10.67 -7.79
N MET A 479 0.86 11.38 -6.76
CA MET A 479 1.72 10.75 -5.77
C MET A 479 1.48 11.40 -4.42
N VAL A 480 1.56 10.58 -3.37
CA VAL A 480 1.50 11.09 -2.01
C VAL A 480 2.69 10.50 -1.28
N VAL A 481 3.40 11.37 -0.55
CA VAL A 481 4.52 10.96 0.29
C VAL A 481 4.15 11.34 1.72
N VAL A 482 4.23 10.35 2.60
CA VAL A 482 3.98 10.57 4.03
C VAL A 482 5.24 10.13 4.79
N ILE A 483 5.75 11.03 5.61
CA ILE A 483 6.94 10.71 6.41
C ILE A 483 6.54 10.96 7.86
N ASP A 484 6.59 9.90 8.66
CA ASP A 484 5.99 9.90 9.99
C ASP A 484 7.14 10.18 10.98
N GLU A 485 7.01 11.26 11.74
CA GLU A 485 7.93 11.58 12.85
C GLU A 485 9.37 11.80 12.42
N PRO A 486 9.57 12.69 11.45
CA PRO A 486 10.93 13.08 11.11
C PRO A 486 11.55 13.68 12.37
N SER A 487 12.84 13.52 12.57
CA SER A 487 13.39 13.82 13.91
C SER A 487 14.55 14.81 13.88
N LYS A 488 14.81 15.39 12.70
CA LYS A 488 15.67 16.57 12.61
C LYS A 488 14.93 17.91 12.75
N ALA A 489 15.68 19.02 12.76
CA ALA A 489 15.07 20.28 13.19
C ALA A 489 14.00 20.70 12.19
N GLY A 490 14.21 20.33 10.93
CA GLY A 490 13.19 20.51 9.88
C GLY A 490 12.17 19.38 9.78
N TYR A 491 10.89 19.73 9.81
CA TYR A 491 9.86 18.70 9.81
C TYR A 491 8.66 19.03 8.91
N PHE A 492 8.66 20.22 8.32
CA PHE A 492 7.58 20.60 7.40
C PHE A 492 7.52 19.73 6.15
N GLY A 493 6.30 19.46 5.69
CA GLY A 493 6.13 18.69 4.46
C GLY A 493 6.91 19.24 3.28
N GLY A 494 6.96 20.57 3.15
CA GLY A 494 7.68 21.17 2.02
C GLY A 494 9.18 21.00 2.10
N LEU A 495 9.68 20.61 3.27
CA LEU A 495 11.12 20.38 3.46
C LEU A 495 11.42 18.88 3.36
N VAL A 496 10.60 18.06 4.02
CA VAL A 496 10.87 16.64 4.21
C VAL A 496 10.30 15.76 3.09
N SER A 497 9.04 15.99 2.71
CA SER A 497 8.38 15.09 1.79
C SER A 497 8.49 15.58 0.34
N ALA A 498 8.54 16.90 0.14
CA ALA A 498 8.64 17.44 -1.22
C ALA A 498 9.81 16.90 -2.05
N PRO A 499 11.02 16.82 -1.47
CA PRO A 499 12.11 16.29 -2.28
C PRO A 499 11.93 14.84 -2.72
N VAL A 500 11.22 14.04 -1.93
CA VAL A 500 10.96 12.67 -2.32
C VAL A 500 10.02 12.64 -3.53
N PHE A 501 9.00 13.49 -3.50
CA PHE A 501 8.14 13.66 -4.67
C PHE A 501 8.94 14.05 -5.91
N SER A 502 9.87 14.98 -5.75
CA SER A 502 10.66 15.45 -6.90
C SER A 502 11.45 14.29 -7.50
N LYS A 503 12.15 13.54 -6.67
CA LYS A 503 13.02 12.50 -7.22
C LYS A 503 12.23 11.31 -7.81
N VAL A 504 11.20 10.90 -7.07
CA VAL A 504 10.38 9.78 -7.52
C VAL A 504 9.58 10.16 -8.75
N MET A 505 9.02 11.37 -8.80
CA MET A 505 8.30 11.78 -10.00
C MET A 505 9.26 11.87 -11.20
N ALA A 506 10.47 12.38 -10.98
CA ALA A 506 11.41 12.54 -12.08
C ALA A 506 11.72 11.16 -12.67
N GLY A 507 11.92 10.16 -11.82
CA GLY A 507 12.19 8.81 -12.32
C GLY A 507 11.00 8.11 -12.94
N ALA A 508 9.85 8.27 -12.30
CA ALA A 508 8.64 7.59 -12.78
C ALA A 508 8.20 8.09 -14.15
N LEU A 509 8.24 9.41 -14.35
CA LEU A 509 7.86 9.97 -15.66
C LEU A 509 8.80 9.50 -16.76
N ARG A 510 10.09 9.41 -16.44
CA ARG A 510 11.04 8.94 -17.42
C ARG A 510 10.83 7.46 -17.73
N LEU A 511 10.62 6.65 -16.69
CA LEU A 511 10.35 5.23 -16.91
C LEU A 511 9.09 5.03 -17.76
N MET A 512 8.13 5.95 -17.65
CA MET A 512 6.87 5.87 -18.39
C MET A 512 6.90 6.56 -19.75
N ASN A 513 8.08 7.04 -20.11
CA ASN A 513 8.34 7.64 -21.40
C ASN A 513 7.45 8.87 -21.64
N VAL A 514 7.19 9.63 -20.58
CA VAL A 514 6.49 10.90 -20.75
C VAL A 514 7.48 11.94 -21.25
N PRO A 515 7.23 12.56 -22.42
CA PRO A 515 8.26 13.51 -22.85
C PRO A 515 8.34 14.69 -21.86
N PRO A 516 9.56 15.09 -21.50
CA PRO A 516 9.75 16.23 -20.58
C PRO A 516 9.14 17.48 -21.18
N ASP A 517 8.32 18.19 -20.39
CA ASP A 517 7.69 19.43 -20.84
C ASP A 517 8.26 20.70 -20.22
N ASN A 518 9.42 20.61 -19.56
CA ASN A 518 10.07 21.78 -18.98
C ASN A 518 11.59 21.74 -19.06
N LEU A 519 12.13 21.23 -20.15
CA LEU A 519 13.56 21.37 -20.42
C LEU A 519 13.86 22.83 -20.74
N PRO A 520 15.10 23.27 -20.47
CA PRO A 520 15.42 24.68 -20.73
C PRO A 520 15.23 25.03 -22.21
N THR A 521 14.79 26.26 -22.46
CA THR A 521 14.32 26.63 -23.80
C THR A 521 15.21 27.74 -24.38
N ALA A 522 15.42 27.72 -25.70
CA ALA A 522 15.65 28.95 -26.45
C ALA A 522 17.02 29.55 -26.17
N1 UE1 B . 4.75 23.91 5.12
N1 UE1 B . 4.31 24.43 4.90
C2 UE1 B . 5.94 23.84 4.56
C2 UE1 B . 4.23 25.25 3.87
N3 UE1 B . 6.60 24.97 4.77
N3 UE1 B . 4.93 26.35 4.14
C4 UE1 B . 5.78 25.77 5.49
C4 UE1 B . 5.46 26.21 5.37
N5 UE1 B . 4.60 25.15 5.74
N5 UE1 B . 5.10 25.01 5.90
N6 UE1 B . -2.10 19.56 12.44
N6 UE1 B . -2.10 19.56 12.44
C7 UE1 B . -3.09 18.68 12.26
C7 UE1 B . -3.09 18.68 12.26
S8 UE1 B . -4.16 18.94 10.93
S8 UE1 B . -4.16 18.95 10.94
C9 UE1 B . -3.21 20.36 10.58
C9 UE1 B . -3.21 20.36 10.58
C10 UE1 B . -1.03 23.29 8.06
C10 UE1 B . -1.05 23.28 8.06
C11 UE1 B . -1.05 22.54 6.75
C11 UE1 B . -1.05 22.54 6.75
N12 UE1 B . 1.38 23.67 8.08
N12 UE1 B . 1.36 23.70 8.05
C13 UE1 B . 0.08 24.34 8.11
C13 UE1 B . 0.06 24.35 8.12
O14 UE1 B . -0.60 21.39 6.73
O14 UE1 B . -0.60 21.39 6.72
N15 UE1 B . -0.89 22.36 9.19
N15 UE1 B . -0.89 22.36 9.19
C16 UE1 B . -1.41 22.66 10.37
C16 UE1 B . -1.40 22.66 10.38
O17 UE1 B . -2.01 23.69 10.64
O17 UE1 B . -2.01 23.69 10.64
C18 UE1 B . -1.21 21.63 11.40
C18 UE1 B . -1.20 21.63 11.40
N19 UE1 B . -0.25 21.72 12.20
N19 UE1 B . -0.23 21.73 12.19
O20 UE1 B . 0.56 22.80 12.04
O20 UE1 B . 0.56 22.80 12.02
C21 UE1 B . 1.78 22.84 12.76
C21 UE1 B . 1.78 22.91 12.74
C22 UE1 B . 1.48 22.83 14.23
C22 UE1 B . 1.48 22.85 14.21
C23 UE1 B . 2.58 21.60 12.39
C23 UE1 B . 2.66 21.72 12.35
C24 UE1 B . 2.50 24.13 12.36
C24 UE1 B . 2.43 24.24 12.39
O25 UE1 B . 2.33 22.34 15.00
O25 UE1 B . 2.30 22.29 14.97
O26 UE1 B . 0.39 23.31 14.61
O26 UE1 B . 0.39 23.33 14.61
C27 UE1 B . -2.16 20.51 11.48
C27 UE1 B . -2.16 20.51 11.49
N28 UE1 B . -3.27 17.60 13.09
N28 UE1 B . -3.26 17.62 13.08
C29 UE1 B . 1.98 23.46 6.78
C29 UE1 B . 1.94 23.51 6.74
O30 UE1 B . 1.44 24.05 5.62
O30 UE1 B . 1.28 23.95 5.57
N31 UE1 B . 3.16 22.63 6.62
N31 UE1 B . 3.22 22.84 6.60
S32 UE1 B . 3.56 22.77 5.11
S32 UE1 B . 3.67 22.94 5.09
O33 UE1 B . 2.51 23.38 4.32
O33 UE1 B . 2.61 22.69 4.11
O34 UE1 B . 3.99 21.46 4.60
O34 UE1 B . 4.85 22.08 4.92
O35 UE1 B . 6.37 22.82 3.91
O35 UE1 B . 3.60 25.03 2.77
C36 UE1 B . 7.96 25.25 4.29
C36 UE1 B . 5.08 27.50 3.24
C37 UE1 B . 7.87 25.49 2.78
C37 UE1 B . 3.88 28.34 3.60
C38 UE1 B . 9.22 25.32 2.11
C38 UE1 B . 4.18 28.93 4.96
O39 UE1 B . 7.37 26.82 2.57
O39 UE1 B . 2.77 27.44 3.72
O40 UE1 B . 9.08 25.34 0.69
O40 UE1 B . 3.66 30.26 4.98
C41 UE1 B . 6.05 27.16 5.98
C41 UE1 B . 6.31 27.17 6.13
N42 UE1 B . 6.09 28.17 5.09
N42 UE1 B . 6.73 28.34 5.57
C43 UE1 B . 6.32 29.44 5.47
C43 UE1 B . 7.49 29.20 6.24
C44 UE1 B . 6.52 29.74 6.82
C44 UE1 B . 7.91 28.92 7.55
C45 UE1 B . 6.47 28.72 7.75
C45 UE1 B . 7.51 27.74 8.14
C46 UE1 B . 6.23 27.42 7.33
C46 UE1 B . 6.70 26.85 7.42
O47 UE1 B . 6.66 29.01 9.07
O47 UE1 B . 7.90 27.45 9.41
O48 UE1 B . 6.75 31.02 7.22
O48 UE1 B . 8.70 29.80 8.24
#